data_4PXF
#
_entry.id   4PXF
#
_cell.length_a   242.622
_cell.length_b   242.622
_cell.length_c   110.216
_cell.angle_alpha   90.00
_cell.angle_beta   90.00
_cell.angle_gamma   120.00
#
_symmetry.space_group_name_H-M   'H 3 2'
#
loop_
_entity.id
_entity.type
_entity.pdbx_description
1 polymer Rhodopsin
2 polymer S-arrestin
3 branched alpha-D-mannopyranose-(1-3)-beta-D-mannopyranose-(1-4)-2-acetamido-2-deoxy-beta-D-glucopyranose-(1-4)-2-acetamido-2-deoxy-beta-D-glucopyranose
4 branched alpha-D-glucopyranose-(1-1)-alpha-D-glucopyranose
5 non-polymer 'octyl beta-D-glucopyranoside'
6 non-polymer 'PALMITIC ACID'
7 non-polymer 'SULFATE ION'
8 non-polymer 'ACETATE ION'
9 water water
#
loop_
_entity_poly.entity_id
_entity_poly.type
_entity_poly.pdbx_seq_one_letter_code
_entity_poly.pdbx_strand_id
1 'polypeptide(L)'
;MNGTEGPNFYVPFSNKTGVVRSPFEAPQYYLAEPWQFSMLAAYMFLLIMLGFPINFLTLYVTVQHKKLRTPLNYILLNLA
VADLFMVFGGFTTTLYTSLHGYFVFGPTGCNLEGFFATLGGEIALWSLVVLAIERYVVVCKPMSNFRFGENHAIMGVAFT
WVMALACAAPPLVGWSRYIPEGMQCSCGIDYYTPHEETNNESFVIYMFVVHFIIPLIVIFFCYGQLVFTVKEAAAQQQES
ATTQKAEKEVTRMVIIMVIAFLICWLPYAGVAFYIFTHQGSDFGPIFMTIPAFFAKTSAVYNPVIYIMMNKQFRNCMVTT
LCCGKNPLGDDEASTTVSKTETSQVAPA
;
A
2 'polypeptide(L)' YGQEDIDVMGL B
#
loop_
_chem_comp.id
_chem_comp.type
_chem_comp.name
_chem_comp.formula
ACT non-polymer 'ACETATE ION' 'C2 H3 O2 -1'
BMA D-saccharide, beta linking beta-D-mannopyranose 'C6 H12 O6'
BOG D-saccharide 'octyl beta-D-glucopyranoside' 'C14 H28 O6'
GLC D-saccharide, alpha linking alpha-D-glucopyranose 'C6 H12 O6'
MAN D-saccharide, alpha linking alpha-D-mannopyranose 'C6 H12 O6'
NAG D-saccharide, beta linking 2-acetamido-2-deoxy-beta-D-glucopyranose 'C8 H15 N O6'
PLM non-polymer 'PALMITIC ACID' 'C16 H32 O2'
SO4 non-polymer 'SULFATE ION' 'O4 S -2'
#
# COMPACT_ATOMS: atom_id res chain seq x y z
N ASN A 2 20.58 -14.81 -18.68
CA ASN A 2 20.46 -14.18 -17.37
C ASN A 2 19.21 -14.65 -16.62
N GLY A 3 18.28 -15.25 -17.36
CA GLY A 3 17.05 -15.75 -16.78
C GLY A 3 16.54 -17.03 -17.42
N THR A 4 15.67 -17.73 -16.72
CA THR A 4 15.02 -18.93 -17.25
C THR A 4 13.54 -18.69 -17.37
N GLU A 5 12.97 -19.03 -18.53
CA GLU A 5 11.56 -18.80 -18.82
C GLU A 5 10.74 -20.07 -18.80
N GLY A 6 9.49 -19.93 -18.38
CA GLY A 6 8.51 -21.01 -18.45
C GLY A 6 7.15 -20.42 -18.78
N PRO A 7 6.14 -21.27 -18.97
CA PRO A 7 4.79 -20.86 -19.35
C PRO A 7 4.15 -19.82 -18.41
N ASN A 8 4.37 -19.95 -17.09
CA ASN A 8 3.72 -19.06 -16.13
C ASN A 8 4.67 -18.34 -15.20
N PHE A 9 5.93 -18.24 -15.60
CA PHE A 9 6.93 -17.71 -14.70
C PHE A 9 8.19 -17.22 -15.39
N TYR A 10 8.99 -16.48 -14.63
CA TYR A 10 10.32 -16.05 -15.04
C TYR A 10 11.22 -16.13 -13.82
N VAL A 11 12.13 -17.08 -13.80
CA VAL A 11 13.11 -17.23 -12.71
C VAL A 11 14.34 -16.40 -13.08
N PRO A 12 14.74 -15.44 -12.24
CA PRO A 12 15.92 -14.63 -12.53
C PRO A 12 17.21 -15.38 -12.22
N PHE A 13 17.47 -16.43 -12.99
CA PHE A 13 18.68 -17.22 -12.86
C PHE A 13 18.89 -18.03 -14.16
N SER A 14 20.08 -18.22 -14.53
CA SER A 14 20.42 -18.86 -15.79
C SER A 14 20.47 -20.37 -15.65
N ASN A 15 19.74 -21.06 -16.53
CA ASN A 15 19.66 -22.51 -16.47
C ASN A 15 20.76 -23.19 -17.26
N LYS A 16 21.89 -22.49 -17.41
CA LYS A 16 23.02 -23.01 -18.17
C LYS A 16 23.68 -24.19 -17.47
N THR A 17 23.48 -24.31 -16.16
CA THR A 17 23.99 -25.44 -15.37
C THR A 17 22.95 -26.56 -15.21
N GLY A 18 21.72 -26.28 -15.65
CA GLY A 18 20.64 -27.28 -15.68
C GLY A 18 19.92 -27.42 -14.34
N VAL A 19 20.15 -26.46 -13.48
CA VAL A 19 19.82 -26.57 -12.05
C VAL A 19 18.47 -25.95 -11.71
N VAL A 20 18.02 -25.03 -12.57
CA VAL A 20 16.78 -24.28 -12.33
C VAL A 20 15.57 -25.19 -12.41
N ARG A 21 14.60 -24.95 -11.53
CA ARG A 21 13.32 -25.66 -11.55
C ARG A 21 12.16 -24.67 -11.59
N SER A 22 10.96 -25.15 -11.89
CA SER A 22 9.76 -24.34 -11.83
C SER A 22 9.52 -23.88 -10.41
N PRO A 23 9.29 -22.57 -10.18
CA PRO A 23 9.01 -22.05 -8.85
C PRO A 23 7.69 -22.56 -8.26
N PHE A 24 6.91 -23.27 -9.07
CA PHE A 24 5.70 -23.97 -8.62
C PHE A 24 5.92 -25.41 -8.19
N GLU A 25 7.11 -25.96 -8.48
CA GLU A 25 7.36 -27.41 -8.32
C GLU A 25 8.52 -27.79 -7.39
N ALA A 26 9.53 -26.95 -7.28
CA ALA A 26 10.67 -27.29 -6.41
C ALA A 26 11.35 -26.07 -5.85
N PRO A 27 12.03 -26.23 -4.70
CA PRO A 27 12.73 -25.13 -4.05
C PRO A 27 13.60 -24.34 -5.01
N GLN A 28 13.84 -23.08 -4.71
CA GLN A 28 14.73 -22.22 -5.51
C GLN A 28 16.10 -21.96 -4.85
N TYR A 29 16.61 -22.91 -4.07
CA TYR A 29 17.77 -22.64 -3.22
C TYR A 29 19.05 -22.31 -4.02
N TYR A 30 18.96 -22.38 -5.35
CA TYR A 30 20.01 -21.82 -6.24
C TYR A 30 19.87 -20.31 -6.40
N LEU A 31 18.62 -19.81 -6.36
CA LEU A 31 18.35 -18.36 -6.36
C LEU A 31 18.94 -17.68 -5.14
N ALA A 32 18.91 -18.38 -4.01
CA ALA A 32 19.28 -17.80 -2.73
C ALA A 32 19.48 -18.89 -1.70
N GLU A 33 20.31 -18.62 -0.71
CA GLU A 33 20.62 -19.62 0.31
C GLU A 33 19.36 -19.93 1.12
N PRO A 34 19.29 -21.12 1.73
CA PRO A 34 18.13 -21.39 2.56
C PRO A 34 17.96 -20.38 3.69
N TRP A 35 19.05 -19.84 4.23
CA TRP A 35 18.91 -18.94 5.37
C TRP A 35 18.25 -17.64 4.94
N GLN A 36 18.55 -17.20 3.73
CA GLN A 36 17.92 -16.01 3.20
C GLN A 36 16.41 -16.21 3.00
N PHE A 37 16.00 -17.44 2.71
CA PHE A 37 14.57 -17.75 2.69
C PHE A 37 13.99 -17.67 4.09
N SER A 38 14.73 -18.17 5.08
CA SER A 38 14.29 -18.10 6.48
C SER A 38 14.15 -16.67 6.97
N MET A 39 15.11 -15.81 6.59
CA MET A 39 15.03 -14.37 6.89
C MET A 39 13.88 -13.65 6.22
N LEU A 40 13.51 -14.08 4.99
CA LEU A 40 12.28 -13.64 4.40
C LEU A 40 11.14 -13.99 5.31
N ALA A 41 11.00 -15.26 5.64
CA ALA A 41 9.95 -15.70 6.58
C ALA A 41 10.00 -14.90 7.89
N ALA A 42 11.19 -14.56 8.35
CA ALA A 42 11.26 -13.75 9.55
C ALA A 42 10.58 -12.41 9.23
N TYR A 43 11.04 -11.74 8.23
CA TYR A 43 10.36 -10.48 7.85
C TYR A 43 8.81 -10.56 7.63
N MET A 44 8.36 -11.60 6.97
CA MET A 44 6.94 -11.85 6.92
C MET A 44 6.27 -11.96 8.30
N PHE A 45 6.88 -12.75 9.16
CA PHE A 45 6.37 -12.96 10.52
C PHE A 45 6.24 -11.60 11.24
N LEU A 46 7.29 -10.81 11.21
CA LEU A 46 7.28 -9.48 11.83
C LEU A 46 6.16 -8.56 11.30
N LEU A 47 6.00 -8.56 10.00
CA LEU A 47 4.91 -7.79 9.38
C LEU A 47 3.53 -8.26 9.81
N ILE A 48 3.31 -9.58 9.92
CA ILE A 48 2.02 -10.10 10.41
C ILE A 48 1.84 -9.82 11.92
N MET A 49 2.90 -10.05 12.70
CA MET A 49 2.86 -9.86 14.15
C MET A 49 2.69 -8.41 14.59
N LEU A 50 3.09 -7.47 13.74
CA LEU A 50 2.97 -6.07 14.04
C LEU A 50 1.76 -5.49 13.32
N GLY A 51 1.50 -6.03 12.12
CA GLY A 51 0.46 -5.51 11.26
C GLY A 51 -0.96 -5.82 11.67
N PHE A 52 -1.25 -7.11 11.80
CA PHE A 52 -2.57 -7.58 12.25
C PHE A 52 -3.05 -6.93 13.54
N PRO A 53 -2.24 -6.93 14.61
CA PRO A 53 -2.84 -6.35 15.80
C PRO A 53 -3.25 -4.92 15.52
N ILE A 54 -2.29 -4.11 15.11
CA ILE A 54 -2.52 -2.69 14.94
C ILE A 54 -3.73 -2.43 14.04
N ASN A 55 -3.79 -3.11 12.90
CA ASN A 55 -4.88 -2.87 11.94
C ASN A 55 -6.22 -3.41 12.45
N PHE A 56 -6.20 -4.60 13.04
CA PHE A 56 -7.41 -5.17 13.64
C PHE A 56 -7.93 -4.24 14.75
N LEU A 57 -7.04 -3.94 15.71
CA LEU A 57 -7.37 -3.08 16.86
C LEU A 57 -8.11 -1.83 16.43
N THR A 58 -7.67 -1.24 15.32
CA THR A 58 -8.31 -0.07 14.74
C THR A 58 -9.80 -0.30 14.49
N LEU A 59 -10.15 -1.45 13.91
CA LEU A 59 -11.58 -1.79 13.72
C LEU A 59 -12.25 -2.05 15.07
N TYR A 60 -11.58 -2.81 15.92
CA TYR A 60 -12.14 -3.18 17.20
C TYR A 60 -12.55 -1.98 18.05
N VAL A 61 -11.73 -0.93 18.10
CA VAL A 61 -12.10 0.25 18.90
C VAL A 61 -13.23 1.04 18.28
N THR A 62 -13.33 1.01 16.96
CA THR A 62 -14.39 1.72 16.28
C THR A 62 -15.76 1.12 16.61
N VAL A 63 -15.78 -0.19 16.89
CA VAL A 63 -16.99 -0.83 17.41
C VAL A 63 -17.22 -0.33 18.85
N GLN A 64 -16.14 -0.20 19.60
CA GLN A 64 -16.20 0.13 21.03
C GLN A 64 -16.46 1.61 21.35
N HIS A 65 -16.24 2.50 20.37
CA HIS A 65 -16.33 3.95 20.63
C HIS A 65 -17.16 4.73 19.61
N LYS A 66 -18.33 5.21 20.02
CA LYS A 66 -19.24 5.96 19.12
C LYS A 66 -18.52 7.08 18.38
N LYS A 67 -17.70 7.82 19.11
CA LYS A 67 -16.99 8.99 18.57
C LYS A 67 -16.19 8.71 17.31
N LEU A 68 -15.65 7.50 17.22
CA LEU A 68 -14.85 7.08 16.05
C LEU A 68 -15.71 6.87 14.81
N ARG A 69 -16.98 6.54 14.99
CA ARG A 69 -17.84 6.20 13.85
C ARG A 69 -18.40 7.44 13.17
N THR A 70 -17.50 8.32 12.72
CA THR A 70 -17.91 9.49 11.92
C THR A 70 -17.54 9.26 10.45
N PRO A 71 -18.24 9.93 9.53
CA PRO A 71 -17.92 9.78 8.11
C PRO A 71 -16.42 9.98 7.78
N LEU A 72 -15.83 11.01 8.34
CA LEU A 72 -14.44 11.35 7.98
C LEU A 72 -13.43 10.25 8.39
N ASN A 73 -13.83 9.36 9.30
CA ASN A 73 -13.05 8.18 9.60
C ASN A 73 -13.30 6.95 8.72
N TYR A 74 -14.41 6.96 7.96
CA TYR A 74 -14.82 5.81 7.13
C TYR A 74 -13.63 5.34 6.30
N ILE A 75 -12.90 6.28 5.73
CA ILE A 75 -11.75 5.95 4.86
C ILE A 75 -10.54 5.37 5.65
N LEU A 76 -10.34 5.83 6.90
CA LEU A 76 -9.30 5.25 7.72
C LEU A 76 -9.60 3.80 8.13
N LEU A 77 -10.90 3.51 8.21
CA LEU A 77 -11.36 2.13 8.45
C LEU A 77 -11.06 1.31 7.22
N ASN A 78 -11.38 1.87 6.07
CA ASN A 78 -11.13 1.23 4.78
C ASN A 78 -9.69 0.92 4.55
N LEU A 79 -8.85 1.87 4.96
CA LEU A 79 -7.39 1.67 5.02
C LEU A 79 -7.06 0.44 5.81
N ALA A 80 -7.72 0.26 6.95
CA ALA A 80 -7.23 -0.79 7.90
C ALA A 80 -7.61 -2.16 7.33
N VAL A 81 -8.81 -2.24 6.79
CA VAL A 81 -9.28 -3.45 6.09
C VAL A 81 -8.30 -3.81 4.97
N ALA A 82 -7.97 -2.82 4.16
CA ALA A 82 -7.03 -3.01 3.05
C ALA A 82 -5.71 -3.56 3.53
N ASP A 83 -5.17 -2.92 4.55
CA ASP A 83 -3.96 -3.44 5.21
C ASP A 83 -4.14 -4.90 5.62
N LEU A 84 -5.28 -5.25 6.18
CA LEU A 84 -5.53 -6.65 6.54
C LEU A 84 -5.55 -7.61 5.34
N PHE A 85 -6.17 -7.21 4.21
CA PHE A 85 -5.99 -7.97 2.95
C PHE A 85 -4.53 -8.21 2.60
N MET A 86 -3.66 -7.25 2.89
CA MET A 86 -2.23 -7.39 2.65
C MET A 86 -1.59 -8.44 3.56
N VAL A 87 -2.02 -8.52 4.82
CA VAL A 87 -1.41 -9.48 5.76
C VAL A 87 -1.90 -10.92 5.53
N PHE A 88 -3.20 -11.10 5.33
CA PHE A 88 -3.76 -12.44 5.16
C PHE A 88 -3.73 -12.87 3.71
N GLY A 89 -3.82 -11.92 2.81
CA GLY A 89 -3.72 -12.23 1.39
C GLY A 89 -2.29 -12.52 0.98
N GLY A 90 -1.37 -11.67 1.42
CA GLY A 90 0.01 -11.76 1.00
C GLY A 90 0.93 -12.35 2.05
N PHE A 91 1.06 -11.65 3.17
CA PHE A 91 2.12 -11.95 4.13
C PHE A 91 2.08 -13.37 4.70
N THR A 92 0.87 -13.83 5.08
CA THR A 92 0.73 -15.17 5.68
C THR A 92 1.11 -16.22 4.67
N THR A 93 0.71 -16.00 3.43
CA THR A 93 1.00 -16.94 2.36
C THR A 93 2.50 -17.01 2.08
N THR A 94 3.11 -15.84 1.92
CA THR A 94 4.55 -15.76 1.68
C THR A 94 5.33 -16.42 2.85
N LEU A 95 4.85 -16.23 4.06
CA LEU A 95 5.43 -16.92 5.20
C LEU A 95 5.41 -18.43 5.02
N TYR A 96 4.30 -18.94 4.53
CA TYR A 96 4.13 -20.38 4.35
C TYR A 96 5.09 -20.86 3.25
N THR A 97 5.08 -20.15 2.13
CA THR A 97 5.82 -20.56 0.95
C THR A 97 7.33 -20.38 1.09
N SER A 98 7.76 -19.31 1.77
CA SER A 98 9.19 -19.11 2.03
C SER A 98 9.81 -20.31 2.76
N LEU A 99 9.07 -20.86 3.67
CA LEU A 99 9.50 -22.03 4.43
C LEU A 99 9.56 -23.30 3.61
N HIS A 100 9.00 -23.26 2.41
CA HIS A 100 9.11 -24.35 1.48
C HIS A 100 10.17 -24.07 0.48
N GLY A 101 10.40 -22.81 0.24
CA GLY A 101 11.43 -22.40 -0.70
C GLY A 101 10.98 -22.17 -2.13
N TYR A 102 9.70 -22.40 -2.40
CA TYR A 102 9.05 -21.98 -3.64
C TYR A 102 7.58 -21.68 -3.42
N PHE A 103 6.86 -21.43 -4.51
CA PHE A 103 5.43 -21.12 -4.44
C PHE A 103 4.57 -22.38 -4.56
N VAL A 104 4.36 -23.09 -3.41
CA VAL A 104 3.71 -24.39 -3.39
C VAL A 104 2.33 -24.40 -4.03
N PHE A 105 1.58 -23.31 -3.89
CA PHE A 105 0.17 -23.29 -4.28
C PHE A 105 -0.09 -23.24 -5.78
N GLY A 106 0.99 -23.11 -6.55
CA GLY A 106 0.89 -23.24 -7.99
C GLY A 106 0.25 -22.02 -8.62
N PRO A 107 0.08 -22.06 -9.97
CA PRO A 107 -0.40 -20.93 -10.75
C PRO A 107 -1.73 -20.34 -10.26
N THR A 108 -2.73 -21.20 -10.06
CA THR A 108 -4.05 -20.75 -9.60
C THR A 108 -3.93 -19.99 -8.29
N GLY A 109 -3.10 -20.51 -7.39
CA GLY A 109 -2.82 -19.84 -6.12
C GLY A 109 -2.14 -18.52 -6.38
N CYS A 110 -1.18 -18.53 -7.29
CA CYS A 110 -0.44 -17.32 -7.68
C CYS A 110 -1.39 -16.17 -7.99
N ASN A 111 -2.40 -16.44 -8.82
CA ASN A 111 -3.42 -15.44 -9.13
C ASN A 111 -4.27 -15.03 -7.91
N LEU A 112 -4.72 -16.00 -7.10
CA LEU A 112 -5.45 -15.68 -5.87
C LEU A 112 -4.59 -14.75 -5.04
N GLU A 113 -3.41 -15.23 -4.67
CA GLU A 113 -2.50 -14.46 -3.83
C GLU A 113 -2.14 -13.12 -4.45
N GLY A 114 -1.86 -13.12 -5.75
CA GLY A 114 -1.48 -11.90 -6.43
C GLY A 114 -2.60 -10.88 -6.46
N PHE A 115 -3.82 -11.35 -6.74
CA PHE A 115 -4.99 -10.48 -6.77
C PHE A 115 -5.23 -9.83 -5.42
N PHE A 116 -5.50 -10.64 -4.41
CA PHE A 116 -5.78 -10.10 -3.07
C PHE A 116 -4.65 -9.23 -2.48
N ALA A 117 -3.41 -9.63 -2.69
CA ALA A 117 -2.28 -8.82 -2.19
C ALA A 117 -2.19 -7.47 -2.90
N THR A 118 -2.39 -7.50 -4.20
CA THR A 118 -2.38 -6.29 -5.01
C THR A 118 -3.67 -5.46 -4.74
N LEU A 119 -4.80 -6.14 -4.54
CA LEU A 119 -6.05 -5.45 -4.20
C LEU A 119 -5.87 -4.61 -2.96
N GLY A 120 -5.42 -5.28 -1.89
CA GLY A 120 -5.18 -4.62 -0.59
C GLY A 120 -4.36 -3.36 -0.78
N GLY A 121 -3.24 -3.51 -1.46
CA GLY A 121 -2.26 -2.44 -1.58
C GLY A 121 -2.71 -1.22 -2.31
N GLU A 122 -3.49 -1.49 -3.34
CA GLU A 122 -4.08 -0.41 -4.14
C GLU A 122 -5.20 0.28 -3.38
N ILE A 123 -6.05 -0.50 -2.72
CA ILE A 123 -7.08 0.07 -1.85
C ILE A 123 -6.48 1.00 -0.83
N ALA A 124 -5.46 0.51 -0.10
CA ALA A 124 -4.77 1.35 0.90
C ALA A 124 -4.25 2.59 0.22
N LEU A 125 -3.49 2.40 -0.86
CA LEU A 125 -2.96 3.54 -1.61
C LEU A 125 -4.04 4.57 -1.94
N TRP A 126 -5.09 4.16 -2.65
CA TRP A 126 -6.13 5.12 -3.03
C TRP A 126 -6.90 5.69 -1.84
N SER A 127 -6.84 4.99 -0.70
CA SER A 127 -7.49 5.52 0.49
C SER A 127 -6.73 6.76 0.91
N LEU A 128 -5.41 6.65 0.93
CA LEU A 128 -4.54 7.79 1.21
C LEU A 128 -4.84 9.01 0.34
N VAL A 129 -5.14 8.76 -0.94
CA VAL A 129 -5.45 9.83 -1.90
C VAL A 129 -6.80 10.45 -1.58
N VAL A 130 -7.81 9.61 -1.45
CA VAL A 130 -9.15 10.06 -1.12
C VAL A 130 -9.14 10.87 0.17
N LEU A 131 -8.50 10.35 1.22
CA LEU A 131 -8.43 11.08 2.52
C LEU A 131 -7.96 12.50 2.33
N ALA A 132 -6.84 12.66 1.63
CA ALA A 132 -6.35 13.99 1.24
C ALA A 132 -7.38 14.80 0.41
N ILE A 133 -8.03 14.18 -0.57
CA ILE A 133 -9.09 14.90 -1.29
C ILE A 133 -10.13 15.41 -0.28
N GLU A 134 -10.58 14.53 0.60
CA GLU A 134 -11.63 14.87 1.56
C GLU A 134 -11.17 15.99 2.48
N ARG A 135 -10.01 15.79 3.09
CA ARG A 135 -9.41 16.83 3.93
C ARG A 135 -9.35 18.17 3.20
N TYR A 136 -8.81 18.13 1.99
CA TYR A 136 -8.74 19.32 1.12
C TYR A 136 -10.10 20.01 1.00
N VAL A 137 -11.15 19.25 0.76
CA VAL A 137 -12.47 19.82 0.55
C VAL A 137 -12.99 20.54 1.81
N VAL A 138 -12.94 19.88 2.96
CA VAL A 138 -13.43 20.49 4.21
C VAL A 138 -12.58 21.68 4.69
N VAL A 139 -11.26 21.58 4.57
CA VAL A 139 -10.38 22.67 5.02
C VAL A 139 -10.30 23.82 4.04
N CYS A 140 -10.01 23.52 2.79
CA CYS A 140 -9.82 24.58 1.79
C CYS A 140 -11.11 25.16 1.25
N LYS A 141 -12.21 24.46 1.47
CA LYS A 141 -13.56 24.88 1.04
C LYS A 141 -13.61 25.35 -0.41
N PRO A 142 -13.24 24.45 -1.34
CA PRO A 142 -13.12 24.81 -2.75
C PRO A 142 -14.47 25.06 -3.42
N MET A 143 -15.54 24.52 -2.86
CA MET A 143 -16.87 24.73 -3.42
C MET A 143 -17.87 25.19 -2.39
N SER A 144 -18.48 26.33 -2.71
CA SER A 144 -19.49 26.95 -1.89
C SER A 144 -20.60 26.01 -1.53
N ASN A 145 -21.22 26.25 -0.39
CA ASN A 145 -22.39 25.51 -0.04
C ASN A 145 -22.13 24.01 -0.14
N PHE A 146 -21.12 23.55 0.61
CA PHE A 146 -20.83 22.14 0.67
C PHE A 146 -20.64 21.69 2.09
N ARG A 147 -21.25 20.59 2.46
CA ARG A 147 -20.94 19.97 3.74
C ARG A 147 -20.72 18.48 3.58
N PHE A 148 -19.53 18.04 3.96
CA PHE A 148 -19.15 16.66 3.78
C PHE A 148 -19.90 15.76 4.75
N GLY A 149 -20.56 14.74 4.21
CA GLY A 149 -21.45 13.88 4.99
C GLY A 149 -21.16 12.40 4.86
N GLU A 150 -22.16 11.60 5.24
CA GLU A 150 -22.07 10.14 5.20
C GLU A 150 -22.02 9.65 3.76
N ASN A 151 -22.99 10.10 2.95
CA ASN A 151 -23.13 9.63 1.57
C ASN A 151 -21.96 9.99 0.67
N HIS A 152 -21.23 11.04 1.05
CA HIS A 152 -20.00 11.38 0.36
C HIS A 152 -18.93 10.38 0.77
N ALA A 153 -18.75 10.22 2.08
CA ALA A 153 -17.74 9.30 2.62
C ALA A 153 -17.85 7.93 1.94
N ILE A 154 -19.08 7.44 1.81
CA ILE A 154 -19.33 6.15 1.17
C ILE A 154 -18.90 6.14 -0.31
N MET A 155 -19.07 7.25 -1.00
CA MET A 155 -18.58 7.35 -2.38
C MET A 155 -17.07 7.18 -2.38
N GLY A 156 -16.40 8.00 -1.59
CA GLY A 156 -14.95 7.88 -1.38
C GLY A 156 -14.47 6.44 -1.25
N VAL A 157 -15.16 5.65 -0.44
CA VAL A 157 -14.78 4.27 -0.24
C VAL A 157 -14.99 3.50 -1.53
N ALA A 158 -16.22 3.52 -2.04
CA ALA A 158 -16.52 2.84 -3.32
C ALA A 158 -15.49 3.17 -4.40
N PHE A 159 -15.10 4.44 -4.46
CA PHE A 159 -14.12 4.89 -5.44
C PHE A 159 -12.78 4.15 -5.28
N THR A 160 -12.30 3.99 -4.04
CA THR A 160 -11.12 3.21 -3.78
C THR A 160 -11.26 1.80 -4.35
N TRP A 161 -12.35 1.12 -4.02
CA TRP A 161 -12.57 -0.28 -4.40
CA TRP A 161 -12.50 -0.28 -4.40
C TRP A 161 -12.53 -0.43 -5.92
N VAL A 162 -13.25 0.47 -6.62
CA VAL A 162 -13.22 0.49 -8.08
C VAL A 162 -11.80 0.72 -8.64
N MET A 163 -11.12 1.79 -8.23
CA MET A 163 -9.72 2.01 -8.66
C MET A 163 -8.79 0.83 -8.35
N ALA A 164 -9.05 0.08 -7.28
CA ALA A 164 -8.16 -1.05 -6.97
C ALA A 164 -8.53 -2.19 -7.93
N LEU A 165 -9.80 -2.57 -7.98
CA LEU A 165 -10.24 -3.50 -9.03
C LEU A 165 -9.60 -3.16 -10.39
N ALA A 166 -9.56 -1.84 -10.78
CA ALA A 166 -8.97 -1.39 -12.04
C ALA A 166 -7.54 -1.81 -12.24
N CYS A 167 -6.89 -2.15 -11.16
CA CYS A 167 -5.50 -2.48 -11.23
C CYS A 167 -5.30 -3.95 -11.05
N ALA A 168 -5.93 -4.48 -10.06
CA ALA A 168 -5.75 -5.91 -9.74
C ALA A 168 -6.49 -6.89 -10.68
N ALA A 169 -7.68 -6.50 -11.14
CA ALA A 169 -8.50 -7.39 -11.99
C ALA A 169 -7.90 -7.71 -13.37
N PRO A 170 -7.47 -6.74 -14.12
CA PRO A 170 -7.07 -6.97 -15.51
C PRO A 170 -6.02 -8.07 -15.75
N PRO A 171 -5.01 -8.21 -14.87
CA PRO A 171 -4.07 -9.32 -15.06
C PRO A 171 -4.72 -10.70 -15.07
N LEU A 172 -5.83 -10.84 -14.35
CA LEU A 172 -6.52 -12.12 -14.24
C LEU A 172 -7.14 -12.49 -15.55
N VAL A 173 -7.30 -11.49 -16.43
CA VAL A 173 -8.01 -11.67 -17.70
C VAL A 173 -7.20 -11.24 -18.93
N GLY A 174 -5.88 -11.22 -18.80
CA GLY A 174 -5.00 -11.20 -19.97
C GLY A 174 -4.20 -9.94 -20.17
N TRP A 175 -4.63 -8.84 -19.57
CA TRP A 175 -3.83 -7.62 -19.66
C TRP A 175 -2.82 -7.61 -18.51
N SER A 176 -1.58 -7.93 -18.85
CA SER A 176 -0.55 -8.29 -17.89
C SER A 176 -0.89 -9.64 -17.23
N ARG A 177 -0.16 -9.97 -16.16
CA ARG A 177 -0.32 -11.26 -15.52
C ARG A 177 0.34 -11.32 -14.17
N TYR A 178 -0.10 -12.29 -13.38
CA TYR A 178 0.51 -12.55 -12.07
C TYR A 178 1.54 -13.68 -12.17
N ILE A 179 2.77 -13.41 -11.71
CA ILE A 179 3.78 -14.46 -11.70
C ILE A 179 4.66 -14.32 -10.48
N PRO A 180 5.26 -15.41 -10.02
CA PRO A 180 6.14 -15.25 -8.86
C PRO A 180 7.23 -14.21 -9.12
N GLU A 181 7.54 -13.40 -8.11
CA GLU A 181 8.64 -12.44 -8.21
C GLU A 181 9.75 -12.69 -7.20
N GLY A 182 10.91 -12.11 -7.50
CA GLY A 182 12.03 -12.15 -6.59
C GLY A 182 12.51 -13.55 -6.27
N MET A 183 12.34 -13.96 -5.02
CA MET A 183 12.70 -15.30 -4.60
C MET A 183 11.57 -16.30 -4.87
N GLN A 184 10.57 -15.86 -5.61
CA GLN A 184 9.54 -16.77 -6.14
C GLN A 184 8.60 -17.35 -5.09
N CYS A 185 8.59 -16.74 -3.90
CA CYS A 185 7.70 -17.16 -2.82
C CYS A 185 6.42 -16.33 -2.75
N SER A 186 6.42 -15.19 -3.44
CA SER A 186 5.25 -14.32 -3.50
C SER A 186 4.99 -13.93 -4.94
N CYS A 187 3.71 -13.77 -5.27
CA CYS A 187 3.27 -13.47 -6.65
C CYS A 187 2.84 -12.04 -6.78
N GLY A 188 3.25 -11.40 -7.85
CA GLY A 188 2.86 -10.02 -8.11
C GLY A 188 2.62 -9.76 -9.58
N ILE A 189 2.27 -8.53 -9.90
CA ILE A 189 2.15 -8.08 -11.29
C ILE A 189 3.47 -8.21 -12.02
N ASP A 190 3.40 -8.75 -13.24
CA ASP A 190 4.59 -8.87 -14.11
C ASP A 190 4.83 -7.57 -14.85
N TYR A 191 5.73 -6.77 -14.27
CA TYR A 191 6.08 -5.47 -14.84
C TYR A 191 7.53 -5.45 -15.30
N TYR A 192 8.18 -6.60 -15.36
CA TYR A 192 9.61 -6.63 -15.67
C TYR A 192 9.99 -7.38 -16.97
N THR A 193 9.18 -8.35 -17.38
CA THR A 193 9.42 -9.03 -18.65
C THR A 193 8.38 -8.60 -19.67
N PRO A 194 8.78 -8.46 -20.94
CA PRO A 194 7.84 -8.11 -22.01
C PRO A 194 7.11 -9.34 -22.51
N HIS A 195 5.82 -9.39 -22.25
CA HIS A 195 5.00 -10.52 -22.61
C HIS A 195 3.97 -9.99 -23.58
N GLU A 196 4.36 -9.95 -24.85
CA GLU A 196 3.53 -9.41 -25.95
C GLU A 196 2.10 -9.96 -25.93
N GLU A 197 1.96 -11.23 -25.56
CA GLU A 197 0.68 -11.92 -25.51
C GLU A 197 -0.31 -11.28 -24.53
N THR A 198 0.23 -10.73 -23.43
CA THR A 198 -0.58 -10.07 -22.39
C THR A 198 -0.43 -8.54 -22.41
N ASN A 199 0.34 -8.02 -23.36
CA ASN A 199 0.59 -6.57 -23.50
C ASN A 199 1.08 -5.91 -22.24
N ASN A 200 2.10 -6.50 -21.62
CA ASN A 200 2.65 -6.02 -20.36
C ASN A 200 2.98 -4.52 -20.43
N GLU A 201 3.69 -4.14 -21.48
CA GLU A 201 4.18 -2.77 -21.64
C GLU A 201 3.07 -1.71 -21.47
N SER A 202 1.99 -1.87 -22.21
CA SER A 202 0.90 -0.89 -22.15
C SER A 202 0.30 -0.86 -20.75
N PHE A 203 0.20 -2.02 -20.10
CA PHE A 203 -0.32 -2.09 -18.74
C PHE A 203 0.60 -1.40 -17.76
N VAL A 204 1.90 -1.59 -17.95
CA VAL A 204 2.89 -0.98 -17.05
C VAL A 204 2.84 0.54 -17.19
N ILE A 205 2.62 1.00 -18.41
CA ILE A 205 2.40 2.43 -18.67
C ILE A 205 1.18 2.91 -17.88
N TYR A 206 0.02 2.31 -18.18
CA TYR A 206 -1.25 2.59 -17.49
C TYR A 206 -1.06 2.61 -15.97
N MET A 207 -0.39 1.59 -15.47
CA MET A 207 -0.16 1.53 -14.04
C MET A 207 0.64 2.74 -13.55
N PHE A 208 1.77 2.97 -14.20
CA PHE A 208 2.64 4.09 -13.85
C PHE A 208 1.86 5.41 -13.86
N VAL A 209 1.12 5.65 -14.95
CA VAL A 209 0.37 6.91 -15.11
C VAL A 209 -0.86 7.02 -14.17
N VAL A 210 -1.78 6.06 -14.24
CA VAL A 210 -3.02 6.15 -13.49
C VAL A 210 -2.82 5.89 -12.00
N HIS A 211 -1.90 4.97 -11.67
CA HIS A 211 -1.83 4.46 -10.33
C HIS A 211 -0.53 4.87 -9.59
N PHE A 212 0.21 5.80 -10.19
CA PHE A 212 1.33 6.43 -9.46
C PHE A 212 1.40 7.96 -9.64
N ILE A 213 1.56 8.46 -10.87
CA ILE A 213 1.69 9.93 -11.04
C ILE A 213 0.42 10.70 -10.73
N ILE A 214 -0.74 10.11 -11.02
CA ILE A 214 -2.01 10.79 -10.67
C ILE A 214 -2.17 10.88 -9.16
N PRO A 215 -2.18 9.73 -8.46
CA PRO A 215 -2.14 9.80 -6.99
C PRO A 215 -1.14 10.83 -6.46
N LEU A 216 0.09 10.78 -6.94
CA LEU A 216 1.16 11.67 -6.47
C LEU A 216 0.79 13.13 -6.66
N ILE A 217 0.30 13.46 -7.84
CA ILE A 217 -0.13 14.83 -8.11
C ILE A 217 -1.27 15.28 -7.19
N VAL A 218 -2.31 14.46 -7.09
CA VAL A 218 -3.47 14.77 -6.25
C VAL A 218 -3.05 14.99 -4.79
N ILE A 219 -2.29 14.04 -4.25
CA ILE A 219 -1.78 14.19 -2.88
C ILE A 219 -1.02 15.51 -2.72
N PHE A 220 -0.08 15.78 -3.62
CA PHE A 220 0.74 17.00 -3.55
C PHE A 220 -0.11 18.26 -3.69
N PHE A 221 -1.05 18.24 -4.63
CA PHE A 221 -1.94 19.37 -4.81
C PHE A 221 -2.82 19.60 -3.58
N CYS A 222 -3.62 18.60 -3.24
CA CYS A 222 -4.51 18.70 -2.07
C CYS A 222 -3.79 19.15 -0.78
N TYR A 223 -2.75 18.44 -0.35
CA TYR A 223 -2.02 18.84 0.86
C TYR A 223 -1.28 20.18 0.65
N GLY A 224 -0.81 20.43 -0.57
CA GLY A 224 -0.19 21.72 -0.89
C GLY A 224 -1.11 22.90 -0.64
N GLN A 225 -2.34 22.81 -1.12
CA GLN A 225 -3.37 23.82 -0.85
C GLN A 225 -3.69 23.90 0.64
N LEU A 226 -3.87 22.74 1.27
CA LEU A 226 -4.24 22.69 2.69
C LEU A 226 -3.21 23.45 3.52
N VAL A 227 -1.93 23.11 3.34
CA VAL A 227 -0.86 23.80 4.06
C VAL A 227 -0.91 25.29 3.75
N PHE A 228 -1.17 25.65 2.50
CA PHE A 228 -1.26 27.06 2.14
C PHE A 228 -2.39 27.77 2.90
N THR A 229 -3.57 27.16 2.89
CA THR A 229 -4.73 27.71 3.59
C THR A 229 -4.46 27.92 5.06
N VAL A 230 -3.93 26.91 5.71
CA VAL A 230 -3.65 26.95 7.17
C VAL A 230 -2.59 28.01 7.50
N LYS A 231 -1.51 28.03 6.73
CA LYS A 231 -0.44 29.03 6.90
C LYS A 231 -0.98 30.45 6.80
N GLU A 232 -1.89 30.65 5.85
CA GLU A 232 -2.49 31.95 5.57
C GLU A 232 -3.33 32.41 6.74
N ALA A 233 -4.23 31.53 7.19
CA ALA A 233 -5.10 31.82 8.34
C ALA A 233 -4.28 32.21 9.55
N ALA A 234 -3.26 31.41 9.87
CA ALA A 234 -2.38 31.67 11.03
C ALA A 234 -1.71 33.02 10.91
N ALA A 235 -1.19 33.33 9.72
CA ALA A 235 -0.56 34.63 9.42
C ALA A 235 -1.47 35.80 9.75
N GLN A 236 -2.76 35.63 9.51
CA GLN A 236 -3.73 36.70 9.79
C GLN A 236 -4.30 36.66 11.22
N GLN A 237 -3.87 35.69 12.02
CA GLN A 237 -4.41 35.51 13.38
C GLN A 237 -3.29 35.26 14.38
N GLN A 238 -2.19 35.97 14.21
CA GLN A 238 -0.98 35.77 15.00
C GLN A 238 -1.15 36.03 16.49
N GLU A 239 -2.27 36.64 16.87
CA GLU A 239 -2.58 36.85 18.30
C GLU A 239 -2.94 35.53 19.01
N SER A 240 -3.34 34.53 18.22
CA SER A 240 -3.76 33.22 18.74
C SER A 240 -2.61 32.21 18.71
N ALA A 241 -2.03 31.91 19.88
CA ALA A 241 -0.95 30.91 19.97
C ALA A 241 -1.44 29.51 19.56
N THR A 242 -2.71 29.23 19.85
CA THR A 242 -3.37 27.98 19.46
C THR A 242 -3.30 27.76 17.97
N THR A 243 -3.68 28.79 17.22
CA THR A 243 -3.70 28.73 15.76
C THR A 243 -2.28 28.54 15.20
N GLN A 244 -1.30 29.14 15.87
CA GLN A 244 0.09 29.00 15.45
C GLN A 244 0.55 27.56 15.66
N LYS A 245 0.19 27.00 16.81
CA LYS A 245 0.45 25.58 17.09
C LYS A 245 -0.21 24.70 16.05
N ALA A 246 -1.51 24.91 15.84
CA ALA A 246 -2.26 24.12 14.87
C ALA A 246 -1.60 24.12 13.50
N GLU A 247 -1.09 25.28 13.10
CA GLU A 247 -0.42 25.44 11.81
C GLU A 247 0.83 24.57 11.74
N LYS A 248 1.72 24.74 12.73
CA LYS A 248 2.97 23.98 12.79
C LYS A 248 2.71 22.47 12.73
N GLU A 249 1.74 22.02 13.52
CA GLU A 249 1.42 20.59 13.64
C GLU A 249 0.77 20.04 12.37
N VAL A 250 -0.09 20.82 11.75
CA VAL A 250 -0.70 20.41 10.48
C VAL A 250 0.36 20.30 9.39
N THR A 251 1.33 21.20 9.44
CA THR A 251 2.44 21.19 8.49
C THR A 251 3.31 19.96 8.69
N ARG A 252 3.60 19.65 9.95
CA ARG A 252 4.48 18.51 10.27
C ARG A 252 3.86 17.21 9.76
N MET A 253 2.56 17.04 9.98
CA MET A 253 1.86 15.83 9.57
C MET A 253 1.86 15.65 8.07
N VAL A 254 1.68 16.75 7.36
CA VAL A 254 1.70 16.69 5.91
C VAL A 254 3.06 16.25 5.38
N ILE A 255 4.11 16.87 5.89
CA ILE A 255 5.45 16.44 5.50
C ILE A 255 5.64 14.93 5.72
N ILE A 256 5.33 14.47 6.93
CA ILE A 256 5.37 13.04 7.23
C ILE A 256 4.55 12.21 6.24
N MET A 257 3.28 12.59 6.03
CA MET A 257 2.38 11.80 5.16
C MET A 257 2.93 11.68 3.76
N VAL A 258 3.35 12.83 3.24
CA VAL A 258 3.93 12.92 1.90
C VAL A 258 5.26 12.16 1.80
N ILE A 259 6.17 12.39 2.73
CA ILE A 259 7.43 11.65 2.74
C ILE A 259 7.23 10.14 2.88
N ALA A 260 6.30 9.77 3.77
CA ALA A 260 5.89 8.37 3.91
C ALA A 260 5.34 7.79 2.60
N PHE A 261 4.41 8.50 1.98
CA PHE A 261 3.87 8.03 0.70
C PHE A 261 4.98 7.76 -0.31
N LEU A 262 5.92 8.68 -0.41
CA LEU A 262 7.02 8.54 -1.36
C LEU A 262 7.86 7.31 -1.05
N ILE A 263 8.31 7.16 0.22
CA ILE A 263 9.06 5.98 0.63
C ILE A 263 8.37 4.70 0.20
N CYS A 264 7.04 4.71 0.21
CA CYS A 264 6.24 3.53 -0.11
C CYS A 264 6.25 3.18 -1.59
N TRP A 265 6.14 4.18 -2.45
CA TRP A 265 5.91 3.91 -3.89
C TRP A 265 7.02 4.35 -4.88
N LEU A 266 7.93 5.20 -4.43
CA LEU A 266 8.99 5.67 -5.34
C LEU A 266 9.98 4.59 -5.78
N PRO A 267 10.27 3.61 -4.91
CA PRO A 267 11.10 2.48 -5.31
C PRO A 267 10.44 1.56 -6.34
N TYR A 268 9.17 1.23 -6.11
CA TYR A 268 8.43 0.42 -7.08
C TYR A 268 8.38 1.12 -8.44
N ALA A 269 7.98 2.38 -8.41
CA ALA A 269 7.92 3.20 -9.63
C ALA A 269 9.32 3.42 -10.20
N GLY A 270 10.29 3.51 -9.31
CA GLY A 270 11.70 3.71 -9.67
C GLY A 270 12.30 2.59 -10.50
N VAL A 271 12.17 1.36 -10.02
CA VAL A 271 12.72 0.21 -10.74
C VAL A 271 11.86 -0.13 -11.97
N ALA A 272 10.54 -0.04 -11.83
CA ALA A 272 9.67 -0.35 -12.97
C ALA A 272 10.02 0.53 -14.16
N PHE A 273 10.24 1.81 -13.89
CA PHE A 273 10.66 2.76 -14.93
C PHE A 273 12.00 2.34 -15.50
N TYR A 274 12.93 1.99 -14.61
CA TYR A 274 14.28 1.58 -14.99
C TYR A 274 14.30 0.29 -15.83
N ILE A 275 13.46 -0.68 -15.47
CA ILE A 275 13.34 -1.92 -16.25
C ILE A 275 12.64 -1.66 -17.58
N PHE A 276 11.64 -0.80 -17.56
CA PHE A 276 10.95 -0.44 -18.79
C PHE A 276 11.94 0.20 -19.75
N THR A 277 12.66 1.20 -19.25
CA THR A 277 13.58 1.98 -20.09
C THR A 277 14.76 1.13 -20.55
N HIS A 278 15.26 0.26 -19.68
CA HIS A 278 16.35 -0.65 -20.03
C HIS A 278 15.75 -2.05 -20.12
N GLN A 279 15.32 -2.46 -21.32
CA GLN A 279 14.74 -3.80 -21.49
C GLN A 279 15.81 -4.89 -21.61
N GLY A 280 17.03 -4.52 -21.98
CA GLY A 280 18.12 -5.50 -22.15
C GLY A 280 18.72 -6.02 -20.85
N SER A 281 18.32 -5.43 -19.74
CA SER A 281 18.97 -5.59 -18.44
C SER A 281 18.86 -6.94 -17.71
N ASP A 282 19.67 -7.08 -16.66
CA ASP A 282 19.68 -8.26 -15.78
C ASP A 282 19.32 -7.81 -14.35
N PHE A 283 18.46 -8.59 -13.69
CA PHE A 283 17.90 -8.21 -12.38
C PHE A 283 17.81 -9.38 -11.40
N GLY A 284 18.57 -9.29 -10.32
CA GLY A 284 18.60 -10.35 -9.32
C GLY A 284 17.25 -10.59 -8.64
N PRO A 285 17.14 -11.69 -7.87
CA PRO A 285 15.94 -11.93 -7.08
C PRO A 285 15.85 -10.99 -5.88
N ILE A 286 16.99 -10.74 -5.24
CA ILE A 286 17.05 -9.90 -4.03
C ILE A 286 16.85 -8.42 -4.38
N PHE A 287 17.22 -8.06 -5.60
CA PHE A 287 17.01 -6.68 -6.08
C PHE A 287 15.52 -6.43 -6.29
N MET A 288 14.83 -7.43 -6.82
CA MET A 288 13.41 -7.29 -7.14
C MET A 288 12.54 -7.23 -5.89
N THR A 289 13.02 -7.85 -4.80
CA THR A 289 12.30 -7.79 -3.51
C THR A 289 12.38 -6.41 -2.82
N ILE A 290 13.34 -5.56 -3.19
CA ILE A 290 13.50 -4.24 -2.50
C ILE A 290 12.29 -3.30 -2.69
N PRO A 291 11.84 -3.11 -3.93
CA PRO A 291 10.64 -2.30 -4.06
C PRO A 291 9.50 -2.84 -3.20
N ALA A 292 9.31 -4.15 -3.24
CA ALA A 292 8.27 -4.81 -2.44
C ALA A 292 8.46 -4.53 -0.95
N PHE A 293 9.69 -4.66 -0.47
CA PHE A 293 9.96 -4.52 0.97
C PHE A 293 9.40 -3.21 1.51
N PHE A 294 9.58 -2.15 0.73
CA PHE A 294 9.11 -0.83 1.12
C PHE A 294 7.60 -0.73 1.10
N ALA A 295 6.98 -1.19 0.00
CA ALA A 295 5.52 -1.08 -0.18
C ALA A 295 4.73 -1.88 0.87
N LYS A 296 5.24 -3.07 1.18
CA LYS A 296 4.57 -3.99 2.08
C LYS A 296 4.62 -3.48 3.51
N THR A 297 5.76 -2.92 3.90
CA THR A 297 5.93 -2.45 5.29
C THR A 297 5.00 -1.30 5.67
N SER A 298 4.31 -0.77 4.65
CA SER A 298 3.34 0.30 4.85
C SER A 298 2.15 -0.23 5.64
N ALA A 299 1.95 -1.54 5.60
CA ALA A 299 0.86 -2.15 6.37
C ALA A 299 1.05 -1.89 7.84
N VAL A 300 2.31 -1.81 8.27
CA VAL A 300 2.61 -1.41 9.61
C VAL A 300 2.61 0.11 9.74
N TYR A 301 3.35 0.82 8.88
CA TYR A 301 3.59 2.26 9.16
C TYR A 301 2.48 3.24 8.76
N ASN A 302 1.69 2.90 7.73
CA ASN A 302 0.55 3.73 7.40
C ASN A 302 -0.43 3.83 8.55
N PRO A 303 -0.81 2.68 9.18
CA PRO A 303 -1.65 2.78 10.37
C PRO A 303 -1.02 3.65 11.45
N VAL A 304 0.29 3.55 11.63
CA VAL A 304 0.96 4.30 12.69
C VAL A 304 0.81 5.78 12.42
N ILE A 305 1.12 6.17 11.20
CA ILE A 305 0.94 7.56 10.75
C ILE A 305 -0.50 8.05 10.71
N TYR A 306 -1.38 7.29 10.06
CA TYR A 306 -2.77 7.78 9.83
C TYR A 306 -3.78 7.44 10.92
N ILE A 307 -3.36 6.60 11.88
CA ILE A 307 -4.25 6.15 12.96
C ILE A 307 -3.61 6.35 14.33
N MET A 308 -2.53 5.65 14.62
CA MET A 308 -1.92 5.80 15.95
C MET A 308 -1.47 7.23 16.26
N MET A 309 -1.21 8.02 15.22
CA MET A 309 -0.85 9.43 15.41
C MET A 309 -2.06 10.32 15.29
N ASN A 310 -3.23 9.71 15.29
CA ASN A 310 -4.48 10.44 15.33
C ASN A 310 -4.94 10.47 16.79
N LYS A 311 -4.95 11.66 17.38
CA LYS A 311 -5.27 11.81 18.79
C LYS A 311 -6.55 11.06 19.19
N GLN A 312 -7.58 11.14 18.36
CA GLN A 312 -8.85 10.52 18.70
C GLN A 312 -8.72 8.98 18.77
N PHE A 313 -8.35 8.36 17.64
CA PHE A 313 -8.11 6.90 17.61
C PHE A 313 -7.15 6.47 18.73
N ARG A 314 -6.08 7.22 18.88
CA ARG A 314 -5.09 6.88 19.88
C ARG A 314 -5.67 6.79 21.30
N ASN A 315 -6.51 7.75 21.68
CA ASN A 315 -7.12 7.76 23.01
C ASN A 315 -7.98 6.53 23.22
N CYS A 316 -8.91 6.30 22.29
CA CYS A 316 -9.80 5.14 22.37
C CYS A 316 -9.00 3.83 22.46
N MET A 317 -7.92 3.73 21.69
CA MET A 317 -7.03 2.56 21.75
C MET A 317 -6.41 2.36 23.14
N VAL A 318 -5.95 3.47 23.73
CA VAL A 318 -5.30 3.39 25.02
C VAL A 318 -6.27 2.95 26.12
N THR A 319 -7.50 3.44 26.07
CA THR A 319 -8.50 3.07 27.08
C THR A 319 -8.89 1.61 26.87
N THR A 320 -9.17 1.24 25.62
CA THR A 320 -9.52 -0.14 25.29
C THR A 320 -8.42 -1.10 25.69
N LEU A 321 -7.18 -0.70 25.44
CA LEU A 321 -6.03 -1.54 25.76
C LEU A 321 -5.78 -1.65 27.25
N CYS A 322 -6.02 -0.57 27.98
CA CYS A 322 -5.79 -0.57 29.43
C CYS A 322 -7.04 -0.98 30.26
N CYS A 323 -7.90 -1.77 29.62
CA CYS A 323 -9.09 -2.37 30.26
C CYS A 323 -10.14 -1.34 30.67
N GLY A 324 -10.20 -0.24 29.95
CA GLY A 324 -11.02 0.90 30.36
C GLY A 324 -10.26 1.88 31.25
N LYS A 325 -10.67 3.14 31.22
CA LYS A 325 -9.99 4.23 31.95
C LYS A 325 -8.62 4.54 31.36
N ASN A 326 -7.99 5.63 31.83
CA ASN A 326 -6.77 6.18 31.22
C ASN A 326 -7.02 6.65 29.77
N ASP B 5 -16.47 20.86 11.31
CA ASP B 5 -15.32 20.89 12.28
C ASP B 5 -14.05 20.50 11.55
N ILE B 6 -13.00 21.31 11.75
CA ILE B 6 -11.81 21.29 10.88
C ILE B 6 -10.57 20.63 11.53
N ASP B 7 -10.46 20.73 12.85
CA ASP B 7 -9.26 20.23 13.53
C ASP B 7 -9.30 18.72 13.74
N VAL B 8 -10.50 18.14 13.59
CA VAL B 8 -10.70 16.70 13.76
C VAL B 8 -10.06 15.88 12.63
N MET B 9 -9.33 16.56 11.76
CA MET B 9 -8.69 15.89 10.63
C MET B 9 -7.78 14.73 11.06
N GLY B 10 -7.16 14.84 12.23
CA GLY B 10 -6.33 13.80 12.79
C GLY B 10 -5.89 14.19 14.18
N LEU B 11 -5.72 15.49 14.38
CA LEU B 11 -5.14 16.03 15.60
C LEU B 11 -6.23 16.29 16.64
C1 NAG C . 16.60 -26.15 -16.64
C2 NAG C . 15.11 -26.34 -16.89
C3 NAG C . 14.83 -27.81 -16.61
C4 NAG C . 15.78 -28.75 -17.36
C5 NAG C . 17.24 -28.37 -17.17
C6 NAG C . 18.14 -29.04 -18.18
C7 NAG C . 13.34 -24.68 -16.45
C8 NAG C . 12.61 -23.89 -15.40
N2 NAG C . 14.30 -25.50 -16.02
O3 NAG C . 13.50 -28.10 -16.96
O4 NAG C . 15.56 -30.01 -16.78
O5 NAG C . 17.40 -27.01 -17.41
O6 NAG C . 18.25 -28.20 -19.31
O7 NAG C . 13.01 -24.51 -17.61
C1 NAG C . 15.32 -31.06 -17.74
C2 NAG C . 15.76 -32.33 -17.04
C3 NAG C . 15.54 -33.53 -17.94
C4 NAG C . 14.10 -33.57 -18.45
C5 NAG C . 13.73 -32.22 -19.06
C6 NAG C . 12.27 -32.19 -19.48
C7 NAG C . 17.51 -31.92 -15.38
C8 NAG C . 18.97 -31.75 -15.09
N2 NAG C . 17.15 -32.17 -16.64
O3 NAG C . 15.78 -34.70 -17.19
O4 NAG C . 13.96 -34.55 -19.45
O5 NAG C . 13.98 -31.18 -18.15
O6 NAG C . 12.12 -31.26 -20.53
O7 NAG C . 16.68 -31.84 -14.46
C1 BMA C . 13.51 -35.82 -18.96
C2 BMA C . 12.47 -36.41 -19.92
C3 BMA C . 12.05 -37.80 -19.44
C4 BMA C . 13.29 -38.69 -19.36
C5 BMA C . 14.31 -38.04 -18.44
C6 BMA C . 15.62 -38.83 -18.40
O2 BMA C . 13.04 -36.49 -21.24
O3 BMA C . 10.94 -38.40 -20.16
O4 BMA C . 12.93 -39.96 -18.85
O5 BMA C . 14.62 -36.72 -18.86
O6 BMA C . 16.03 -39.05 -17.04
C1 MAN C . 11.03 -38.77 -21.56
C2 MAN C . 10.41 -37.81 -22.53
C3 MAN C . 9.06 -38.42 -22.84
C4 MAN C . 9.22 -39.83 -23.41
C5 MAN C . 10.17 -40.75 -22.61
C6 MAN C . 10.67 -41.88 -23.50
O2 MAN C . 11.19 -37.71 -23.71
O3 MAN C . 8.38 -37.60 -23.77
O4 MAN C . 7.96 -40.45 -23.43
O5 MAN C . 11.27 -40.07 -22.01
O6 MAN C . 10.17 -43.13 -23.05
C1 GLC D . -23.87 4.32 12.70
C2 GLC D . -22.78 3.50 12.03
C3 GLC D . -22.79 3.73 10.52
C4 GLC D . -24.23 3.89 10.05
C5 GLC D . -24.84 5.17 10.63
C6 GLC D . -26.36 5.08 10.75
O2 GLC D . -21.47 3.78 12.56
O3 GLC D . -22.18 2.62 9.85
O4 GLC D . -24.26 3.91 8.62
O5 GLC D . -24.23 5.46 11.91
O6 GLC D . -26.95 4.84 9.47
C1 GLC D . -24.48 4.85 14.96
C2 GLC D . -24.33 6.16 15.73
C3 GLC D . -24.32 5.93 17.24
C4 GLC D . -25.44 5.00 17.64
C5 GLC D . -25.33 3.66 16.90
C6 GLC D . -26.69 3.20 16.38
O1 GLC D . -23.42 4.76 13.99
O2 GLC D . -23.11 6.81 15.36
O3 GLC D . -24.47 7.18 17.93
O4 GLC D . -25.36 4.79 19.05
O5 GLC D . -24.42 3.69 15.80
O6 GLC D . -27.47 2.68 17.46
C1 BOG E . 8.97 -29.21 3.99
O1 BOG E . 7.73 -28.75 4.47
C2 BOG E . 9.14 -30.70 4.27
O2 BOG E . 10.36 -30.87 5.00
C3 BOG E . 9.28 -31.52 3.00
O3 BOG E . 7.97 -31.72 2.47
C4 BOG E . 10.17 -30.85 1.95
O4 BOG E . 11.49 -31.37 2.10
C5 BOG E . 10.23 -29.32 2.02
O5 BOG E . 9.03 -28.87 2.62
C6 BOG E . 10.38 -28.66 0.67
O6 BOG E . 11.70 -28.12 0.54
C1' BOG E . 7.88 -27.48 5.07
C2' BOG E . 6.51 -26.96 5.40
C3' BOG E . 6.56 -25.56 5.98
C4' BOG E . 6.03 -25.58 7.39
C5' BOG E . 4.75 -24.76 7.48
C6' BOG E . 5.07 -23.35 7.92
C7' BOG E . 4.26 -23.01 9.15
C8' BOG E . 4.27 -21.52 9.39
C1 BOG F . 2.53 -3.79 -6.65
O1 BOG F . 2.63 -4.00 -8.04
C2 BOG F . 1.13 -3.34 -6.29
O2 BOG F . 0.81 -2.13 -6.97
C3 BOG F . 1.07 -3.11 -4.80
O3 BOG F . -0.24 -2.75 -4.42
C4 BOG F . 1.43 -4.40 -4.09
O4 BOG F . 1.51 -4.15 -2.69
C5 BOG F . 2.75 -4.95 -4.58
O5 BOG F . 2.74 -5.04 -6.00
C6 BOG F . 2.90 -6.35 -4.07
O6 BOG F . 2.21 -7.23 -4.94
C1' BOG F . 3.96 -4.05 -8.46
C2' BOG F . 4.30 -2.75 -9.15
C3' BOG F . 3.35 -2.48 -10.30
C4' BOG F . 4.08 -1.80 -11.44
C5' BOG F . 3.76 -0.32 -11.51
C6' BOG F . 5.02 0.52 -11.47
C7' BOG F . 4.74 1.95 -11.03
C8' BOG F . 3.80 2.00 -9.85
C1 BOG G . 24.20 -11.41 0.30
O1 BOG G . 23.41 -10.67 1.24
C2 BOG G . 25.16 -12.22 1.18
O2 BOG G . 26.03 -11.32 1.89
C3 BOG G . 26.00 -13.19 0.35
O3 BOG G . 26.81 -14.00 1.20
C4 BOG G . 25.06 -14.05 -0.48
O4 BOG G . 25.82 -14.99 -1.26
C5 BOG G . 24.22 -13.15 -1.39
O5 BOG G . 23.44 -12.26 -0.57
C6 BOG G . 23.32 -14.00 -2.29
O6 BOG G . 22.32 -13.18 -2.91
C1' BOG G . 22.20 -10.11 0.76
C2' BOG G . 21.41 -9.56 1.94
C3' BOG G . 20.79 -10.66 2.80
C4' BOG G . 19.28 -10.49 3.00
C5' BOG G . 18.46 -11.43 2.13
C6' BOG G . 17.06 -10.89 1.83
C7' BOG G . 15.94 -11.84 2.25
C8' BOG G . 14.77 -11.07 2.82
C1 PLM H . -5.26 -3.77 31.17
O2 PLM H . -4.85 -2.74 31.77
C2 PLM H . -4.28 -4.85 30.86
C3 PLM H . -3.18 -4.27 29.97
C4 PLM H . -1.87 -4.05 30.73
C5 PLM H . -0.77 -5.03 30.33
C6 PLM H . 0.33 -4.37 29.47
C7 PLM H . 1.51 -5.32 29.23
C8 PLM H . 2.29 -4.99 27.95
C9 PLM H . 2.61 -6.23 27.10
CA PLM H . 3.54 -5.94 25.90
CB PLM H . 3.68 -7.18 25.01
CC PLM H . 5.05 -7.29 24.34
CD PLM H . 5.33 -8.72 23.85
CE PLM H . 5.29 -8.82 22.31
CF PLM H . 6.17 -9.95 21.78
CG PLM H . 5.43 -11.28 21.74
S SO4 I . 21.02 -10.12 -6.61
O1 SO4 I . 21.66 -10.60 -7.85
O2 SO4 I . 20.37 -8.81 -6.87
O3 SO4 I . 20.01 -11.09 -6.15
O4 SO4 I . 22.05 -9.97 -5.55
C ACT J . 3.01 -7.90 19.47
O ACT J . 2.14 -8.33 20.26
OXT ACT J . 2.91 -6.75 18.97
CH3 ACT J . 4.19 -8.75 19.11
#